data_3R36
#
_entry.id   3R36
#
_cell.length_a   112.900
_cell.length_b   112.900
_cell.length_c   59.900
_cell.angle_alpha   90.00
_cell.angle_beta   90.00
_cell.angle_gamma   120.00
#
_symmetry.space_group_name_H-M   'P 32 2 1'
#
loop_
_entity.id
_entity.type
_entity.pdbx_description
1 polymer '4-hydroxybenzoyl-CoA thioesterase'
2 non-polymer 'P-HYDROXYBENZOIC ACID'
3 water water
#
_entity_poly.entity_id   1
_entity_poly.type   'polypeptide(L)'
_entity_poly.pdbx_seq_one_letter_code
;MHRTSNGSHATGGNLPDVASHYPVAYEQTLDGTVGFVIDEMTPERATASVEVTDTLRQRWGLVHGGAYCALAQMLATEAT
VAVVHEKGMMAVGQSNHTSFFRPVKEGHVRAEAVRIHAGSTTWFWDVSLRDDAGRLCAVSSMSIAVRPRRD
;
_entity_poly.pdbx_strand_id   B,A
#
# COMPACT_ATOMS: atom_id res chain seq x y z
N GLY A 12 16.35 13.86 0.39
CA GLY A 12 15.26 13.65 1.42
C GLY A 12 14.19 12.70 0.84
N GLY A 13 14.63 11.43 1.01
CA GLY A 13 14.45 10.18 0.22
C GLY A 13 14.92 10.39 -1.22
N ASN A 14 15.54 11.53 -1.47
CA ASN A 14 15.84 11.96 -2.83
C ASN A 14 14.57 12.25 -3.65
N LEU A 15 13.47 12.61 -2.97
CA LEU A 15 12.23 12.98 -3.63
C LEU A 15 12.43 14.28 -4.39
N PRO A 16 11.72 14.49 -5.51
CA PRO A 16 12.03 15.65 -6.35
C PRO A 16 11.89 16.95 -5.55
N ASP A 17 12.91 17.81 -5.59
CA ASP A 17 12.82 19.01 -4.75
C ASP A 17 12.13 20.11 -5.54
N VAL A 18 10.84 20.31 -5.31
CA VAL A 18 10.09 21.21 -6.15
C VAL A 18 9.49 22.35 -5.36
N ALA A 19 9.55 22.28 -4.05
CA ALA A 19 8.88 23.29 -3.26
C ALA A 19 9.88 23.66 -2.18
N SER A 20 9.79 24.87 -1.65
CA SER A 20 10.68 25.20 -0.54
C SER A 20 10.25 24.64 0.80
N HIS A 21 8.95 24.43 1.03
CA HIS A 21 8.51 23.83 2.28
C HIS A 21 7.68 22.57 2.01
N TYR A 22 7.78 21.55 2.87
CA TYR A 22 6.91 20.37 2.71
C TYR A 22 6.20 20.19 4.03
N PRO A 23 4.90 19.87 3.99
CA PRO A 23 4.23 19.73 5.27
C PRO A 23 4.78 18.65 6.21
N VAL A 24 5.45 17.62 5.67
CA VAL A 24 5.94 16.52 6.50
C VAL A 24 7.35 16.18 6.05
N ALA A 25 8.26 16.10 7.03
CA ALA A 25 9.68 15.85 6.75
C ALA A 25 9.80 14.40 6.34
N TYR A 26 10.70 14.13 5.40
CA TYR A 26 10.91 12.76 4.94
C TYR A 26 10.88 11.73 6.06
N GLU A 27 11.70 11.96 7.09
CA GLU A 27 11.92 10.98 8.12
C GLU A 27 10.61 10.72 8.86
N GLN A 28 9.63 11.61 8.90
CA GLN A 28 8.44 11.25 9.67
C GLN A 28 7.34 10.64 8.80
N THR A 29 7.48 10.74 7.48
CA THR A 29 6.46 10.22 6.55
C THR A 29 6.52 8.69 6.51
N LEU A 30 5.49 8.07 5.92
CA LEU A 30 5.42 6.61 5.80
C LEU A 30 6.67 6.24 5.01
N ASP A 31 6.96 7.02 3.97
CA ASP A 31 8.09 6.65 3.08
C ASP A 31 9.41 6.60 3.83
N GLY A 32 9.61 7.59 4.71
CA GLY A 32 10.87 7.62 5.44
C GLY A 32 10.87 6.62 6.56
N THR A 33 9.74 6.40 7.24
CA THR A 33 9.66 5.34 8.21
C THR A 33 10.03 3.95 7.66
N VAL A 34 9.56 3.56 6.47
CA VAL A 34 9.90 2.24 5.96
C VAL A 34 11.18 2.30 5.13
N GLY A 35 11.66 3.48 4.77
CA GLY A 35 12.95 3.48 4.07
C GLY A 35 13.02 3.59 2.56
N PHE A 36 12.00 4.16 1.92
CA PHE A 36 11.98 4.25 0.46
C PHE A 36 12.93 5.33 -0.06
N VAL A 37 13.70 5.05 -1.12
CA VAL A 37 14.63 6.10 -1.60
C VAL A 37 14.56 6.10 -3.13
N ILE A 38 14.42 7.27 -3.77
CA ILE A 38 14.47 7.39 -5.23
C ILE A 38 15.92 7.32 -5.71
N ASP A 39 16.18 6.55 -6.76
CA ASP A 39 17.51 6.56 -7.35
C ASP A 39 17.44 7.44 -8.58
N GLU A 40 16.82 7.02 -9.67
CA GLU A 40 16.77 7.84 -10.88
C GLU A 40 15.41 8.48 -11.09
N MET A 41 15.40 9.70 -11.61
CA MET A 41 14.11 10.27 -12.02
C MET A 41 14.24 11.01 -13.32
N THR A 42 13.51 10.57 -14.34
CA THR A 42 13.33 11.44 -15.50
C THR A 42 11.85 11.52 -15.85
N PRO A 43 11.48 12.40 -16.79
CA PRO A 43 10.05 12.54 -17.07
C PRO A 43 9.42 11.22 -17.53
N GLU A 44 10.21 10.37 -18.16
CA GLU A 44 9.70 9.12 -18.70
C GLU A 44 9.95 7.86 -17.87
N ARG A 45 10.79 7.95 -16.84
CA ARG A 45 11.24 6.75 -16.19
C ARG A 45 11.87 7.06 -14.84
N ALA A 46 11.57 6.26 -13.81
CA ALA A 46 12.08 6.58 -12.49
C ALA A 46 12.35 5.25 -11.82
N THR A 47 13.23 5.26 -10.81
CA THR A 47 13.52 4.06 -10.02
C THR A 47 13.64 4.44 -8.55
N ALA A 48 13.35 3.47 -7.69
CA ALA A 48 13.37 3.65 -6.24
C ALA A 48 13.61 2.27 -5.65
N SER A 49 14.14 2.22 -4.43
CA SER A 49 14.36 0.91 -3.81
C SER A 49 14.27 1.05 -2.30
N VAL A 50 14.30 -0.10 -1.62
CA VAL A 50 14.09 -0.14 -0.18
C VAL A 50 14.76 -1.36 0.40
N GLU A 51 15.47 -1.25 1.53
CA GLU A 51 15.94 -2.47 2.17
C GLU A 51 14.81 -3.14 2.93
N VAL A 52 14.77 -4.47 2.87
CA VAL A 52 13.75 -5.13 3.68
C VAL A 52 14.14 -5.15 5.17
N THR A 53 13.24 -4.74 6.05
CA THR A 53 13.45 -4.77 7.49
C THR A 53 12.06 -5.19 7.98
N ASP A 54 11.94 -5.52 9.26
CA ASP A 54 10.62 -5.83 9.80
C ASP A 54 9.56 -4.79 9.56
N THR A 55 9.93 -3.52 9.53
CA THR A 55 9.02 -2.41 9.23
C THR A 55 8.29 -2.56 7.89
N LEU A 56 8.91 -3.32 6.96
CA LEU A 56 8.40 -3.53 5.62
C LEU A 56 7.59 -4.82 5.62
N ARG A 57 7.59 -5.54 6.76
CA ARG A 57 7.03 -6.88 6.78
C ARG A 57 5.62 -6.99 7.37
N GLN A 58 4.90 -8.06 7.04
CA GLN A 58 3.72 -8.46 7.84
C GLN A 58 4.11 -9.56 8.85
N ARG A 59 3.16 -9.99 9.68
CA ARG A 59 3.53 -10.81 10.81
C ARG A 59 4.05 -12.16 10.37
N TRP A 60 3.67 -12.61 9.19
CA TRP A 60 4.18 -13.85 8.63
C TRP A 60 5.62 -13.75 8.11
N GLY A 61 6.33 -12.63 8.22
CA GLY A 61 7.73 -12.65 7.81
C GLY A 61 8.11 -12.22 6.41
N LEU A 62 7.11 -11.90 5.60
CA LEU A 62 7.31 -11.60 4.17
C LEU A 62 7.02 -10.09 4.02
N VAL A 63 7.62 -9.46 3.02
CA VAL A 63 7.31 -8.05 2.71
C VAL A 63 5.78 -7.90 2.58
N HIS A 64 5.19 -6.91 3.27
CA HIS A 64 3.73 -6.69 3.28
C HIS A 64 3.29 -6.32 1.84
N GLY A 65 2.16 -6.86 1.39
CA GLY A 65 1.56 -6.44 0.11
C GLY A 65 1.50 -4.92 -0.06
N GLY A 66 1.01 -4.27 0.99
CA GLY A 66 0.90 -2.83 0.97
C GLY A 66 2.25 -2.14 0.75
N ALA A 67 3.38 -2.79 1.01
CA ALA A 67 4.66 -2.12 0.84
C ALA A 67 4.95 -1.97 -0.65
N TYR A 68 4.62 -2.98 -1.46
CA TYR A 68 4.85 -2.87 -2.90
C TYR A 68 3.91 -1.78 -3.44
N CYS A 69 2.68 -1.76 -2.94
CA CYS A 69 1.65 -0.75 -3.25
C CYS A 69 2.17 0.66 -2.98
N ALA A 70 2.75 0.88 -1.79
CA ALA A 70 3.12 2.22 -1.35
C ALA A 70 4.35 2.65 -2.18
N LEU A 71 5.18 1.68 -2.48
CA LEU A 71 6.40 2.09 -3.20
C LEU A 71 6.04 2.60 -4.59
N ALA A 72 5.20 1.80 -5.25
CA ALA A 72 4.75 2.12 -6.63
C ALA A 72 3.97 3.42 -6.55
N GLN A 73 3.18 3.57 -5.48
CA GLN A 73 2.38 4.78 -5.46
C GLN A 73 3.26 6.04 -5.34
N MET A 74 4.29 6.02 -4.50
CA MET A 74 5.11 7.21 -4.23
C MET A 74 5.95 7.44 -5.50
N LEU A 75 6.47 6.38 -6.12
CA LEU A 75 7.41 6.57 -7.24
C LEU A 75 6.72 7.21 -8.45
N ALA A 76 5.60 6.61 -8.81
CA ALA A 76 4.75 7.10 -9.90
C ALA A 76 4.19 8.49 -9.66
N THR A 77 3.58 8.72 -8.50
CA THR A 77 3.11 10.06 -8.20
C THR A 77 4.27 11.08 -8.25
N GLU A 78 5.34 10.85 -7.48
CA GLU A 78 6.38 11.88 -7.32
C GLU A 78 7.05 11.97 -8.71
N ALA A 79 7.08 10.93 -9.53
CA ALA A 79 7.74 11.10 -10.86
C ALA A 79 6.88 12.01 -11.72
N THR A 80 5.61 12.11 -11.34
CA THR A 80 4.67 13.01 -12.00
C THR A 80 4.80 14.44 -11.47
N VAL A 81 4.80 14.64 -10.15
CA VAL A 81 5.16 15.91 -9.53
C VAL A 81 6.44 16.50 -10.14
N ALA A 82 7.49 15.70 -10.26
CA ALA A 82 8.72 16.21 -10.86
C ALA A 82 8.48 17.05 -12.11
N VAL A 83 7.53 16.72 -12.98
CA VAL A 83 7.36 17.50 -14.21
C VAL A 83 6.28 18.58 -14.01
N VAL A 84 5.21 18.19 -13.34
CA VAL A 84 4.04 19.06 -13.42
C VAL A 84 3.96 20.14 -12.34
N HIS A 85 4.72 19.99 -11.26
CA HIS A 85 4.58 20.94 -10.16
C HIS A 85 4.89 22.36 -10.64
N GLU A 86 6.04 22.51 -11.30
CA GLU A 86 6.39 23.83 -11.77
C GLU A 86 5.48 24.35 -12.88
N LYS A 87 4.67 23.50 -13.50
CA LYS A 87 3.63 24.03 -14.38
C LYS A 87 2.32 24.36 -13.69
N GLY A 88 2.30 24.51 -12.37
CA GLY A 88 1.06 24.91 -11.69
C GLY A 88 0.12 23.79 -11.33
N MET A 89 0.57 22.55 -11.52
CA MET A 89 -0.36 21.41 -11.40
C MET A 89 -0.05 20.60 -10.18
N MET A 90 -1.00 19.81 -9.72
CA MET A 90 -0.62 18.89 -8.66
C MET A 90 -1.01 17.52 -9.17
N ALA A 91 -0.36 16.50 -8.61
CA ALA A 91 -0.58 15.12 -9.07
C ALA A 91 -1.03 14.32 -7.87
N VAL A 92 -2.06 13.52 -8.08
CA VAL A 92 -2.43 12.60 -7.02
C VAL A 92 -2.88 11.25 -7.54
N GLY A 93 -2.41 10.15 -6.95
CA GLY A 93 -2.88 8.87 -7.47
C GLY A 93 -4.41 8.79 -7.60
N GLN A 94 -4.94 8.25 -8.70
CA GLN A 94 -6.37 7.97 -8.74
C GLN A 94 -6.64 6.47 -8.70
N SER A 95 -5.72 5.67 -9.23
CA SER A 95 -5.87 4.24 -9.09
C SER A 95 -4.52 3.59 -8.92
N ASN A 96 -4.47 2.59 -8.03
CA ASN A 96 -3.24 1.78 -7.91
C ASN A 96 -3.67 0.33 -7.98
N HIS A 97 -3.29 -0.36 -9.05
CA HIS A 97 -3.64 -1.80 -9.14
C HIS A 97 -2.37 -2.61 -9.06
N THR A 98 -2.21 -3.25 -7.90
CA THR A 98 -0.99 -4.02 -7.68
C THR A 98 -1.32 -5.50 -7.78
N SER A 99 -0.56 -6.21 -8.62
CA SER A 99 -0.66 -7.66 -8.68
C SER A 99 0.65 -8.34 -8.24
N PHE A 100 0.51 -9.46 -7.51
CA PHE A 100 1.61 -10.09 -6.77
C PHE A 100 1.91 -11.49 -7.33
N PHE A 101 3.15 -11.71 -7.72
CA PHE A 101 3.56 -12.93 -8.38
C PHE A 101 4.48 -13.76 -7.49
N ARG A 102 5.29 -13.08 -6.69
CA ARG A 102 6.18 -13.83 -5.82
C ARG A 102 6.48 -13.05 -4.54
N PRO A 103 6.52 -13.77 -3.41
CA PRO A 103 6.85 -13.12 -2.16
C PRO A 103 8.34 -12.75 -2.03
N VAL A 104 8.64 -11.87 -1.08
CA VAL A 104 10.04 -11.52 -0.77
C VAL A 104 10.14 -11.65 0.73
N LYS A 105 11.11 -12.43 1.23
CA LYS A 105 11.32 -12.47 2.69
C LYS A 105 12.36 -11.48 3.19
N GLU A 106 13.38 -11.17 2.37
CA GLU A 106 14.52 -10.42 2.87
C GLU A 106 15.29 -9.82 1.69
N GLY A 107 16.22 -8.90 1.89
CA GLY A 107 17.06 -8.36 0.79
C GLY A 107 16.55 -6.96 0.52
N HIS A 108 16.11 -6.71 -0.72
CA HIS A 108 15.61 -5.41 -1.12
C HIS A 108 14.38 -5.58 -2.02
N VAL A 109 13.64 -4.49 -2.23
CA VAL A 109 12.65 -4.43 -3.30
C VAL A 109 13.06 -3.22 -4.13
N ARG A 110 13.16 -3.46 -5.44
CA ARG A 110 13.51 -2.41 -6.38
C ARG A 110 12.36 -2.11 -7.34
N ALA A 111 12.00 -0.84 -7.54
CA ALA A 111 10.86 -0.53 -8.39
C ALA A 111 11.37 0.24 -9.60
N GLU A 112 10.84 -0.08 -10.78
CA GLU A 112 11.05 0.81 -11.90
C GLU A 112 9.72 1.21 -12.48
N ALA A 113 9.52 2.52 -12.61
CA ALA A 113 8.30 3.06 -13.19
C ALA A 113 8.60 3.54 -14.60
N VAL A 114 7.83 3.00 -15.55
CA VAL A 114 7.86 3.41 -16.94
C VAL A 114 6.57 4.11 -17.36
N ARG A 115 6.72 5.38 -17.76
CA ARG A 115 5.58 6.23 -18.12
C ARG A 115 5.06 5.73 -19.47
N ILE A 116 3.75 5.50 -19.55
CA ILE A 116 3.24 5.00 -20.83
C ILE A 116 2.19 5.93 -21.43
N HIS A 117 1.80 6.92 -20.65
CA HIS A 117 0.79 7.89 -21.07
C HIS A 117 0.91 9.14 -20.21
N ALA A 118 0.87 10.27 -20.90
CA ALA A 118 1.10 11.53 -20.23
C ALA A 118 -0.02 12.46 -20.72
N GLY A 119 -1.21 12.45 -20.12
CA GLY A 119 -2.23 13.27 -20.77
C GLY A 119 -2.45 14.53 -19.96
N SER A 120 -3.40 15.40 -20.29
CA SER A 120 -3.41 16.65 -19.57
C SER A 120 -4.10 16.44 -18.25
N THR A 121 -4.84 15.35 -18.09
CA THR A 121 -5.50 15.19 -16.78
C THR A 121 -5.15 13.87 -16.11
N THR A 122 -4.48 12.98 -16.82
CA THR A 122 -4.07 11.67 -16.30
C THR A 122 -2.73 11.25 -16.93
N TRP A 123 -1.78 10.82 -16.10
CA TRP A 123 -0.54 10.15 -16.47
C TRP A 123 -0.66 8.72 -15.92
N PHE A 124 -0.06 7.81 -16.69
CA PHE A 124 -0.08 6.41 -16.31
C PHE A 124 1.33 5.80 -16.40
N TRP A 125 1.63 5.06 -15.34
CA TRP A 125 2.94 4.43 -15.17
C TRP A 125 2.84 2.92 -14.95
N ASP A 126 3.68 2.20 -15.69
CA ASP A 126 3.83 0.77 -15.44
C ASP A 126 5.01 0.57 -14.49
N VAL A 127 4.68 0.09 -13.30
CA VAL A 127 5.73 -0.17 -12.32
C VAL A 127 5.97 -1.66 -12.08
N SER A 128 7.26 -2.01 -12.12
CA SER A 128 7.82 -3.33 -11.81
C SER A 128 8.59 -3.37 -10.48
N LEU A 129 8.28 -4.36 -9.63
CA LEU A 129 8.85 -4.51 -8.30
C LEU A 129 9.63 -5.80 -8.33
N ARG A 130 10.94 -5.68 -8.15
CA ARG A 130 11.86 -6.82 -8.33
C ARG A 130 12.64 -7.14 -7.04
N ASP A 131 12.92 -8.42 -6.79
CA ASP A 131 13.84 -8.82 -5.71
C ASP A 131 15.33 -8.71 -6.08
N ASP A 132 16.20 -9.08 -5.14
CA ASP A 132 17.66 -9.00 -5.31
C ASP A 132 18.23 -9.89 -6.43
N ALA A 133 17.53 -10.96 -6.82
CA ALA A 133 17.88 -11.80 -7.95
C ALA A 133 17.31 -11.29 -9.27
N GLY A 134 16.55 -10.20 -9.24
CA GLY A 134 15.99 -9.59 -10.44
C GLY A 134 14.64 -10.13 -10.82
N ARG A 135 14.03 -10.92 -9.94
CA ARG A 135 12.82 -11.62 -10.34
C ARG A 135 11.66 -10.67 -10.13
N LEU A 136 10.68 -10.74 -11.04
CA LEU A 136 9.53 -9.85 -11.03
C LEU A 136 8.60 -10.31 -9.90
N CYS A 137 8.49 -9.55 -8.84
CA CYS A 137 7.72 -10.07 -7.70
C CYS A 137 6.32 -9.47 -7.65
N ALA A 138 6.18 -8.26 -8.16
CA ALA A 138 4.90 -7.58 -8.25
C ALA A 138 4.93 -6.56 -9.38
N VAL A 139 3.74 -6.15 -9.84
CA VAL A 139 3.60 -5.02 -10.74
C VAL A 139 2.48 -4.17 -10.21
N SER A 140 2.57 -2.86 -10.49
CA SER A 140 1.55 -1.87 -10.22
C SER A 140 1.27 -1.01 -11.43
N SER A 141 0.00 -1.03 -11.85
CA SER A 141 -0.46 -0.03 -12.80
C SER A 141 -0.91 1.22 -12.07
N MET A 142 -0.15 2.29 -12.27
CA MET A 142 -0.36 3.54 -11.52
C MET A 142 -0.94 4.61 -12.44
N SER A 143 -2.14 5.01 -12.05
CA SER A 143 -2.88 6.07 -12.71
C SER A 143 -2.96 7.33 -11.86
N ILE A 144 -2.48 8.43 -12.41
CA ILE A 144 -2.23 9.62 -11.59
C ILE A 144 -3.02 10.77 -12.19
N ALA A 145 -3.95 11.32 -11.41
CA ALA A 145 -4.72 12.51 -11.75
C ALA A 145 -3.82 13.75 -11.70
N VAL A 146 -3.94 14.58 -12.72
CA VAL A 146 -3.22 15.85 -12.76
C VAL A 146 -4.27 16.96 -12.83
N ARG A 147 -4.15 17.96 -11.96
CA ARG A 147 -5.19 18.95 -11.70
C ARG A 147 -4.42 20.24 -11.39
N PRO A 148 -5.06 21.39 -11.64
CA PRO A 148 -4.41 22.65 -11.33
C PRO A 148 -4.25 22.78 -9.82
N ARG A 149 -3.12 23.31 -9.37
CA ARG A 149 -2.87 23.34 -7.93
C ARG A 149 -3.80 24.30 -7.23
N ARG A 150 -4.19 23.96 -6.00
CA ARG A 150 -5.07 24.84 -5.25
C ARG A 150 -4.11 25.85 -4.65
N ASP A 151 -4.34 27.12 -4.97
CA ASP A 151 -3.39 28.20 -4.75
C ASP A 151 -2.30 27.77 -3.76
N THR B 11 -4.30 -10.87 20.44
CA THR B 11 -3.17 -10.61 19.49
C THR B 11 -2.79 -9.13 19.35
N GLY B 12 -1.52 -8.92 18.98
CA GLY B 12 -1.08 -7.64 18.45
C GLY B 12 -1.97 -7.31 17.26
N GLY B 13 -2.53 -6.10 17.37
CA GLY B 13 -3.36 -5.37 16.40
C GLY B 13 -4.74 -6.00 16.37
N ASN B 14 -4.86 -7.00 17.24
CA ASN B 14 -6.00 -7.89 17.24
C ASN B 14 -6.13 -8.66 15.94
N LEU B 15 -5.04 -8.87 15.22
CA LEU B 15 -5.10 -9.82 14.12
C LEU B 15 -5.62 -11.16 14.61
N PRO B 16 -6.20 -11.98 13.72
CA PRO B 16 -6.76 -13.23 14.22
C PRO B 16 -5.71 -14.16 14.80
N ASP B 17 -5.98 -14.78 15.94
CA ASP B 17 -4.91 -15.63 16.43
C ASP B 17 -5.13 -17.09 16.10
N VAL B 18 -4.37 -17.58 15.13
CA VAL B 18 -4.69 -18.84 14.52
C VAL B 18 -3.46 -19.70 14.68
N ALA B 19 -2.39 -19.10 15.21
CA ALA B 19 -1.17 -19.85 15.53
C ALA B 19 -0.64 -19.47 16.90
N SER B 20 0.29 -20.28 17.41
CA SER B 20 0.85 -20.07 18.75
C SER B 20 2.06 -19.14 18.70
N HIS B 21 2.64 -18.99 17.52
CA HIS B 21 3.82 -18.16 17.31
C HIS B 21 3.73 -17.55 15.90
N TYR B 22 4.24 -16.33 15.72
CA TYR B 22 4.33 -15.69 14.39
C TYR B 22 5.75 -15.24 14.08
N PRO B 23 6.17 -15.36 12.82
CA PRO B 23 7.54 -14.88 12.61
C PRO B 23 7.86 -13.45 13.06
N VAL B 24 6.95 -12.49 12.92
CA VAL B 24 7.28 -11.10 13.27
C VAL B 24 6.23 -10.59 14.23
N ALA B 25 6.68 -9.97 15.32
CA ALA B 25 5.78 -9.44 16.33
C ALA B 25 5.05 -8.20 15.82
N TYR B 26 3.85 -7.96 16.32
CA TYR B 26 2.95 -6.92 15.81
C TYR B 26 3.64 -5.56 15.80
N GLU B 27 4.29 -5.25 16.92
CA GLU B 27 4.80 -3.90 17.07
C GLU B 27 5.90 -3.66 16.04
N GLN B 28 6.56 -4.71 15.56
CA GLN B 28 7.67 -4.51 14.61
C GLN B 28 7.24 -4.51 13.14
N THR B 29 6.01 -4.96 12.88
CA THR B 29 5.55 -5.06 11.49
C THR B 29 5.18 -3.69 10.95
N LEU B 30 4.94 -3.59 9.65
CA LEU B 30 4.45 -2.36 9.04
C LEU B 30 3.10 -2.09 9.72
N ASP B 31 2.26 -3.11 9.77
CA ASP B 31 0.97 -2.83 10.40
C ASP B 31 1.06 -2.23 11.78
N GLY B 32 1.89 -2.81 12.64
CA GLY B 32 1.96 -2.24 14.01
C GLY B 32 2.76 -0.93 14.05
N THR B 33 3.74 -0.74 13.17
CA THR B 33 4.35 0.57 13.05
C THR B 33 3.39 1.70 12.65
N VAL B 34 2.49 1.51 11.68
CA VAL B 34 1.61 2.60 11.32
C VAL B 34 0.37 2.59 12.22
N GLY B 35 0.11 1.53 12.98
CA GLY B 35 -1.01 1.55 13.95
C GLY B 35 -2.32 0.92 13.50
N PHE B 36 -2.29 0.04 12.50
CA PHE B 36 -3.55 -0.60 12.10
C PHE B 36 -4.15 -1.49 13.19
N VAL B 37 -5.45 -1.38 13.43
CA VAL B 37 -6.09 -2.24 14.42
C VAL B 37 -7.37 -2.88 13.87
N ILE B 38 -7.52 -4.19 14.01
CA ILE B 38 -8.76 -4.84 13.61
C ILE B 38 -9.83 -4.69 14.68
N ASP B 39 -11.04 -4.30 14.31
CA ASP B 39 -12.18 -4.26 15.22
C ASP B 39 -13.07 -5.50 15.06
N GLU B 40 -13.99 -5.58 14.09
CA GLU B 40 -14.79 -6.78 13.96
C GLU B 40 -14.19 -7.74 12.96
N MET B 41 -14.44 -9.03 13.19
CA MET B 41 -13.95 -10.04 12.27
C MET B 41 -14.91 -11.20 12.21
N THR B 42 -15.63 -11.39 11.11
CA THR B 42 -16.41 -12.60 10.81
C THR B 42 -16.02 -13.14 9.42
N PRO B 43 -16.46 -14.37 9.07
CA PRO B 43 -16.11 -14.95 7.78
C PRO B 43 -16.59 -14.12 6.59
N GLU B 44 -17.61 -13.31 6.73
CA GLU B 44 -18.02 -12.47 5.60
C GLU B 44 -17.80 -10.97 5.67
N ARG B 45 -17.24 -10.50 6.78
CA ARG B 45 -17.15 -9.08 6.97
C ARG B 45 -16.16 -8.78 8.08
N ALA B 46 -15.28 -7.80 7.91
CA ALA B 46 -14.27 -7.48 8.91
C ALA B 46 -14.07 -5.97 8.87
N THR B 47 -13.64 -5.40 9.99
CA THR B 47 -13.42 -3.97 10.06
C THR B 47 -12.06 -3.70 10.68
N ALA B 48 -11.47 -2.55 10.37
CA ALA B 48 -10.17 -2.19 10.95
C ALA B 48 -10.07 -0.68 10.92
N SER B 49 -9.26 -0.10 11.80
CA SER B 49 -9.10 1.36 11.69
C SER B 49 -7.69 1.78 12.05
N VAL B 50 -7.38 3.05 11.83
CA VAL B 50 -6.01 3.52 12.13
C VAL B 50 -6.13 5.01 12.38
N GLU B 51 -5.43 5.49 13.40
CA GLU B 51 -5.38 6.91 13.70
C GLU B 51 -4.34 7.54 12.78
N VAL B 52 -4.71 8.64 12.13
CA VAL B 52 -3.77 9.29 11.22
C VAL B 52 -2.69 9.96 12.06
N THR B 53 -1.42 9.69 11.78
CA THR B 53 -0.34 10.48 12.33
C THR B 53 0.62 10.64 11.14
N ASP B 54 1.74 11.34 11.33
CA ASP B 54 2.65 11.59 10.20
C ASP B 54 3.15 10.28 9.58
N THR B 55 3.24 9.23 10.38
CA THR B 55 3.75 7.91 9.94
C THR B 55 2.89 7.31 8.80
N LEU B 56 1.63 7.74 8.79
CA LEU B 56 0.64 7.40 7.75
C LEU B 56 0.64 8.35 6.57
N ARG B 57 1.33 9.50 6.64
CA ARG B 57 1.20 10.54 5.62
C ARG B 57 2.32 10.49 4.58
N GLN B 58 2.15 11.19 3.47
CA GLN B 58 3.26 11.38 2.53
C GLN B 58 3.69 12.83 2.80
N ARG B 59 4.70 13.30 2.07
CA ARG B 59 5.31 14.59 2.42
C ARG B 59 4.42 15.79 2.22
N TRP B 60 3.34 15.66 1.45
CA TRP B 60 2.43 16.77 1.23
C TRP B 60 1.34 16.84 2.29
N GLY B 61 1.37 16.00 3.31
CA GLY B 61 0.50 16.23 4.48
C GLY B 61 -0.77 15.39 4.49
N LEU B 62 -0.97 14.62 3.42
CA LEU B 62 -2.15 13.75 3.38
C LEU B 62 -1.85 12.27 3.60
N VAL B 63 -2.88 11.50 3.98
CA VAL B 63 -2.67 10.07 4.17
C VAL B 63 -2.09 9.48 2.87
N HIS B 64 -1.04 8.68 2.99
CA HIS B 64 -0.30 8.13 1.82
C HIS B 64 -1.20 7.17 1.05
N GLY B 65 -1.28 7.31 -0.27
CA GLY B 65 -2.10 6.32 -0.98
C GLY B 65 -1.76 4.89 -0.57
N GLY B 66 -0.47 4.63 -0.32
CA GLY B 66 -0.11 3.28 0.05
C GLY B 66 -0.69 2.85 1.39
N ALA B 67 -1.06 3.81 2.22
CA ALA B 67 -1.60 3.42 3.54
C ALA B 67 -2.98 2.81 3.35
N TYR B 68 -3.82 3.45 2.55
CA TYR B 68 -5.06 2.77 2.17
C TYR B 68 -4.80 1.39 1.58
N CYS B 69 -3.92 1.26 0.57
CA CYS B 69 -3.62 -0.03 -0.02
C CYS B 69 -3.33 -1.03 1.09
N ALA B 70 -2.49 -0.66 2.06
CA ALA B 70 -1.92 -1.60 3.01
C ALA B 70 -3.01 -1.98 4.03
N LEU B 71 -3.88 -1.05 4.42
CA LEU B 71 -4.92 -1.41 5.41
C LEU B 71 -5.88 -2.47 4.81
N ALA B 72 -6.27 -2.22 3.55
CA ALA B 72 -7.15 -3.14 2.81
C ALA B 72 -6.46 -4.47 2.62
N GLN B 73 -5.19 -4.44 2.22
CA GLN B 73 -4.44 -5.68 2.07
C GLN B 73 -4.43 -6.52 3.36
N MET B 74 -3.96 -5.94 4.47
CA MET B 74 -3.98 -6.66 5.72
C MET B 74 -5.40 -7.14 6.05
N LEU B 75 -6.39 -6.27 5.94
CA LEU B 75 -7.68 -6.66 6.50
C LEU B 75 -8.32 -7.81 5.68
N ALA B 76 -8.22 -7.76 4.35
CA ALA B 76 -8.88 -8.76 3.50
C ALA B 76 -8.08 -10.04 3.60
N THR B 77 -6.76 -9.90 3.60
CA THR B 77 -5.91 -11.07 3.79
C THR B 77 -6.15 -11.81 5.11
N GLU B 78 -6.07 -11.11 6.22
CA GLU B 78 -6.21 -11.77 7.50
C GLU B 78 -7.63 -12.27 7.74
N ALA B 79 -8.62 -11.60 7.20
CA ALA B 79 -10.01 -12.04 7.30
C ALA B 79 -10.17 -13.38 6.60
N THR B 80 -9.35 -13.63 5.58
CA THR B 80 -9.33 -14.91 4.92
C THR B 80 -8.58 -15.94 5.78
N VAL B 81 -7.38 -15.56 6.22
CA VAL B 81 -6.64 -16.34 7.19
C VAL B 81 -7.51 -16.80 8.36
N ALA B 82 -8.31 -15.90 8.92
CA ALA B 82 -9.08 -16.32 10.08
C ALA B 82 -9.93 -17.56 9.79
N VAL B 83 -10.33 -17.81 8.55
CA VAL B 83 -11.17 -18.97 8.28
C VAL B 83 -10.30 -20.09 7.72
N VAL B 84 -9.36 -19.80 6.84
CA VAL B 84 -8.70 -20.91 6.17
C VAL B 84 -7.50 -21.56 6.86
N HIS B 85 -6.88 -20.89 7.83
CA HIS B 85 -5.64 -21.39 8.43
C HIS B 85 -5.86 -22.78 9.01
N GLU B 86 -6.93 -22.88 9.80
CA GLU B 86 -7.21 -24.07 10.57
C GLU B 86 -7.71 -25.15 9.62
N LYS B 87 -7.98 -24.81 8.36
CA LYS B 87 -8.16 -25.86 7.37
C LYS B 87 -6.87 -26.16 6.64
N GLY B 88 -5.75 -25.72 7.21
CA GLY B 88 -4.46 -26.03 6.62
C GLY B 88 -4.21 -25.32 5.30
N MET B 89 -4.94 -24.23 5.05
CA MET B 89 -4.65 -23.40 3.88
C MET B 89 -3.81 -22.17 4.25
N MET B 90 -3.13 -21.59 3.28
CA MET B 90 -2.65 -20.22 3.47
C MET B 90 -3.32 -19.26 2.49
N ALA B 91 -3.23 -17.98 2.83
CA ALA B 91 -3.90 -16.93 2.07
C ALA B 91 -2.83 -15.91 1.73
N VAL B 92 -2.71 -15.56 0.46
CA VAL B 92 -1.81 -14.48 0.11
C VAL B 92 -2.48 -13.62 -0.95
N GLY B 93 -2.32 -12.31 -0.83
CA GLY B 93 -2.99 -11.39 -1.71
C GLY B 93 -2.49 -11.70 -3.10
N GLN B 94 -3.37 -11.65 -4.09
CA GLN B 94 -2.96 -11.87 -5.48
C GLN B 94 -3.16 -10.57 -6.25
N SER B 95 -4.15 -9.76 -5.89
CA SER B 95 -4.31 -8.48 -6.61
C SER B 95 -4.92 -7.54 -5.61
N ASN B 96 -4.40 -6.31 -5.55
CA ASN B 96 -4.99 -5.22 -4.79
C ASN B 96 -5.14 -4.03 -5.73
N HIS B 97 -6.41 -3.67 -5.89
CA HIS B 97 -6.77 -2.60 -6.80
C HIS B 97 -7.49 -1.57 -5.97
N THR B 98 -6.76 -0.49 -5.68
CA THR B 98 -7.28 0.58 -4.82
C THR B 98 -7.48 1.80 -5.68
N SER B 99 -8.68 2.33 -5.53
CA SER B 99 -9.07 3.57 -6.21
C SER B 99 -9.36 4.69 -5.22
N PHE B 100 -8.87 5.89 -5.55
CA PHE B 100 -8.82 7.00 -4.57
C PHE B 100 -9.84 8.08 -4.95
N PHE B 101 -10.79 8.42 -4.08
CA PHE B 101 -11.78 9.46 -4.34
C PHE B 101 -11.61 10.79 -3.60
N ARG B 102 -11.08 10.79 -2.36
CA ARG B 102 -11.01 11.99 -1.52
C ARG B 102 -9.82 11.84 -0.59
N PRO B 103 -8.98 12.89 -0.39
CA PRO B 103 -7.83 12.79 0.52
C PRO B 103 -8.29 12.81 1.97
N VAL B 104 -7.45 12.29 2.87
CA VAL B 104 -7.72 12.47 4.31
C VAL B 104 -6.48 13.19 4.84
N LYS B 105 -6.66 14.21 5.65
CA LYS B 105 -5.51 14.92 6.23
C LYS B 105 -5.28 14.51 7.67
N GLU B 106 -6.38 14.26 8.39
CA GLU B 106 -6.25 13.85 9.78
C GLU B 106 -7.50 13.11 10.30
N GLY B 107 -7.44 12.57 11.51
CA GLY B 107 -8.54 11.86 12.18
C GLY B 107 -8.14 10.39 12.10
N HIS B 108 -9.05 9.59 11.56
CA HIS B 108 -8.92 8.13 11.37
C HIS B 108 -9.17 7.74 9.91
N VAL B 109 -8.71 6.56 9.54
CA VAL B 109 -9.20 5.91 8.33
C VAL B 109 -9.87 4.63 8.80
N ARG B 110 -11.08 4.38 8.32
CA ARG B 110 -11.82 3.21 8.80
C ARG B 110 -12.12 2.32 7.60
N ALA B 111 -11.84 1.04 7.74
CA ALA B 111 -11.96 0.16 6.59
C ALA B 111 -13.04 -0.86 6.89
N GLU B 112 -13.96 -1.12 5.96
CA GLU B 112 -14.74 -2.33 6.05
C GLU B 112 -14.60 -3.21 4.83
N ALA B 113 -14.33 -4.49 5.08
CA ALA B 113 -14.07 -5.50 4.06
C ALA B 113 -15.32 -6.39 4.06
N VAL B 114 -15.95 -6.54 2.90
CA VAL B 114 -17.16 -7.35 2.74
C VAL B 114 -16.82 -8.48 1.77
N ARG B 115 -16.99 -9.71 2.23
CA ARG B 115 -16.70 -10.81 1.33
C ARG B 115 -17.71 -10.96 0.19
N ILE B 116 -17.24 -11.08 -1.04
CA ILE B 116 -18.21 -11.19 -2.11
C ILE B 116 -18.12 -12.51 -2.87
N HIS B 117 -16.99 -13.18 -2.70
CA HIS B 117 -16.77 -14.46 -3.35
C HIS B 117 -15.81 -15.29 -2.51
N ALA B 118 -16.15 -16.55 -2.25
CA ALA B 118 -15.33 -17.42 -1.42
C ALA B 118 -15.11 -18.71 -2.20
N GLY B 119 -14.19 -18.74 -3.16
CA GLY B 119 -14.01 -19.96 -3.94
C GLY B 119 -12.93 -20.86 -3.32
N SER B 120 -12.57 -21.96 -3.97
CA SER B 120 -11.54 -22.81 -3.38
C SER B 120 -10.13 -22.28 -3.60
N THR B 121 -9.95 -21.45 -4.63
CA THR B 121 -8.61 -20.91 -4.85
C THR B 121 -8.53 -19.40 -4.73
N THR B 122 -9.65 -18.69 -4.76
CA THR B 122 -9.63 -17.23 -4.63
C THR B 122 -10.79 -16.77 -3.75
N TRP B 123 -10.57 -15.93 -2.74
CA TRP B 123 -11.62 -15.18 -2.07
C TRP B 123 -11.55 -13.71 -2.48
N PHE B 124 -12.68 -13.01 -2.57
CA PHE B 124 -12.64 -11.63 -3.08
C PHE B 124 -13.38 -10.78 -2.05
N TRP B 125 -12.77 -9.67 -1.65
CA TRP B 125 -13.34 -8.76 -0.67
C TRP B 125 -13.39 -7.37 -1.28
N ASP B 126 -14.53 -6.70 -1.11
CA ASP B 126 -14.65 -5.29 -1.48
C ASP B 126 -14.30 -4.50 -0.21
N VAL B 127 -13.27 -3.66 -0.23
CA VAL B 127 -12.99 -2.89 0.97
C VAL B 127 -13.29 -1.40 0.71
N SER B 128 -14.08 -0.82 1.61
CA SER B 128 -14.28 0.63 1.63
C SER B 128 -13.49 1.31 2.76
N LEU B 129 -12.94 2.49 2.49
CA LEU B 129 -12.06 3.21 3.41
C LEU B 129 -12.65 4.61 3.65
N ARG B 130 -13.06 4.87 4.89
CA ARG B 130 -13.89 6.04 5.12
C ARG B 130 -13.19 6.97 6.10
N ASP B 131 -13.44 8.27 6.05
CA ASP B 131 -12.85 9.23 6.97
C ASP B 131 -13.80 9.38 8.16
N ASP B 132 -13.45 10.25 9.11
CA ASP B 132 -14.24 10.40 10.35
C ASP B 132 -15.65 10.90 10.11
N ALA B 133 -15.89 11.59 9.00
CA ALA B 133 -17.25 12.00 8.68
C ALA B 133 -18.07 10.94 7.92
N GLY B 134 -17.58 9.72 7.75
CA GLY B 134 -18.32 8.70 7.01
C GLY B 134 -18.11 8.74 5.49
N ARG B 135 -17.34 9.67 4.94
CA ARG B 135 -17.30 9.79 3.47
C ARG B 135 -16.35 8.74 2.92
N LEU B 136 -16.67 8.20 1.74
CA LEU B 136 -15.91 7.12 1.10
C LEU B 136 -14.65 7.76 0.53
N CYS B 137 -13.45 7.53 1.08
CA CYS B 137 -12.28 8.20 0.51
C CYS B 137 -11.53 7.32 -0.47
N ALA B 138 -11.64 6.01 -0.30
CA ALA B 138 -10.96 5.07 -1.17
C ALA B 138 -11.68 3.73 -1.13
N VAL B 139 -11.51 2.95 -2.21
CA VAL B 139 -11.98 1.57 -2.17
C VAL B 139 -10.85 0.67 -2.68
N SER B 140 -10.94 -0.59 -2.27
CA SER B 140 -9.95 -1.54 -2.74
C SER B 140 -10.66 -2.86 -3.02
N SER B 141 -10.42 -3.33 -4.24
CA SER B 141 -10.85 -4.70 -4.55
C SER B 141 -9.69 -5.67 -4.24
N MET B 142 -9.92 -6.52 -3.25
CA MET B 142 -8.90 -7.44 -2.77
C MET B 142 -9.18 -8.87 -3.26
N SER B 143 -8.26 -9.38 -4.08
CA SER B 143 -8.36 -10.76 -4.50
C SER B 143 -7.31 -11.55 -3.73
N ILE B 144 -7.72 -12.60 -3.03
CA ILE B 144 -6.80 -13.38 -2.20
C ILE B 144 -6.70 -14.82 -2.69
N ALA B 145 -5.50 -15.23 -3.08
CA ALA B 145 -5.26 -16.63 -3.43
C ALA B 145 -5.30 -17.47 -2.16
N VAL B 146 -5.99 -18.60 -2.22
CA VAL B 146 -5.98 -19.58 -1.14
C VAL B 146 -5.30 -20.86 -1.67
N ARG B 147 -4.32 -21.34 -0.91
CA ARG B 147 -3.48 -22.48 -1.32
C ARG B 147 -3.22 -23.34 -0.08
N PRO B 148 -2.74 -24.59 -0.26
CA PRO B 148 -2.37 -25.41 0.90
C PRO B 148 -1.07 -24.94 1.54
N ARG B 149 -0.94 -24.94 2.86
CA ARG B 149 0.34 -24.57 3.47
C ARG B 149 1.48 -25.45 2.98
N ARG B 150 2.54 -24.84 2.44
CA ARG B 150 3.46 -25.64 1.63
C ARG B 150 4.43 -26.37 2.55
N ASP B 151 4.15 -26.25 3.84
CA ASP B 151 4.90 -26.82 4.95
C ASP B 151 4.06 -26.56 6.19
#